data_4DFJ
#
_entry.id   4DFJ
#
_cell.length_a   108.880
_cell.length_b   108.880
_cell.length_c   90.440
_cell.angle_alpha   90.00
_cell.angle_beta   90.00
_cell.angle_gamma   120.00
#
_symmetry.space_group_name_H-M   'P 31 2 1'
#
loop_
_entity.id
_entity.type
_entity.pdbx_description
1 polymer 'DNA polymerase I, thermostable'
2 polymer "5'-d(GACCACGGCGC DOC)-3'"
3 polymer "5'-d(AAAAGGCGCCGTGGTC)-3'"
4 non-polymer 'MAGNESIUM ION'
5 non-polymer "5-(5-aminopent-1-yn-1-yl)-2'-deoxyuridine 5'-(tetrahydrogen triphosphate)"
6 non-polymer 'FORMIC ACID'
7 non-polymer 1,2-ETHANEDIOL
8 non-polymer 'CHLORIDE ION'
9 water water
#
loop_
_entity_poly.entity_id
_entity_poly.type
_entity_poly.pdbx_seq_one_letter_code
_entity_poly.pdbx_strand_id
1 'polypeptide(L)'
;ALEEAPWPPPEGAFVGFVLSRKEPMWADLLALAAARGGRVHRAPEPYKALRDLKEARGLLAKDLSVLALREGLGLPPGDD
PMLLAYLLDPSNTTPEGVARRYGGEWTEEAGERAALSERLFANLWGRLEGEERLLWLYREVERPLSAVLAHMEATGVRLD
VAYLRALSLEVAEEIARLEAEVFRLAGHPFNLNSRDQLERVLFDELGLPAIGKTEKTGKRSTSAAVLEALREAHPIVEKI
LQYRELTKLKSTYIDPLPDLIHPRTGRLHTRFNQTATATGRLSSSDPNLQNIPVRTPLGQRIRRAFIAEEGWLLVALDYS
QIELRVLAHLSGDENLIRVFQEGRDIHTETASWMFGVPREAVDPLMRRAAKTINFGVLYGMSAHRLSQELAIPYEEAQAF
IERYFQSFPKVRAWIEKTLEEGRRRGYVETLFGRRRYVPDLEARVKSVREAAERMAFNMPVQGTAADLMKLAMVKLFPRL
EEMGARMLLQVHDELVLEAPKERAEAVARLAKEVMEGVYPLAVPLEVEVGIGEDWLSAKE
;
A
2 'polydeoxyribonucleotide' (DG)(DA)(DC)(DC)(DA)(DC)(DG)(DG)(DC)(DG)(DC)(DOC) B
3 'polydeoxyribonucleotide' (DA)(DA)(DA)(DA)(DG)(DG)(DC)(DG)(DC)(DC)(DG)(DT)(DG)(DG)(DT)(DC) C
#
loop_
_chem_comp.id
_chem_comp.type
_chem_comp.name
_chem_comp.formula
0KL non-polymer '5-(5-aminopent-1-yn-1-yl)-2'-deoxyuridine 5'-(tetrahydrogen triphosphate)' 'C14 H22 N3 O14 P3'
CL non-polymer 'CHLORIDE ION' 'Cl -1'
DA DNA linking 2'-DEOXYADENOSINE-5'-MONOPHOSPHATE 'C10 H14 N5 O6 P'
DC DNA linking 2'-DEOXYCYTIDINE-5'-MONOPHOSPHATE 'C9 H14 N3 O7 P'
DG DNA linking 2'-DEOXYGUANOSINE-5'-MONOPHOSPHATE 'C10 H14 N5 O7 P'
DOC DNA linking 2',3'-DIDEOXYCYTIDINE-5'-MONOPHOSPHATE 'C9 H14 N3 O6 P'
DT DNA linking THYMIDINE-5'-MONOPHOSPHATE 'C10 H15 N2 O8 P'
EDO non-polymer 1,2-ETHANEDIOL 'C2 H6 O2'
FMT non-polymer 'FORMIC ACID' 'C H2 O2'
MG non-polymer 'MAGNESIUM ION' 'Mg 2'
#
# COMPACT_ATOMS: atom_id res chain seq x y z
N LEU A 2 32.16 22.61 -1.66
CA LEU A 2 32.05 22.98 -3.07
C LEU A 2 32.09 24.50 -3.24
N GLU A 3 32.68 24.94 -4.34
CA GLU A 3 32.70 26.36 -4.71
C GLU A 3 31.29 26.90 -4.93
N GLU A 4 30.94 27.94 -4.17
CA GLU A 4 29.65 28.61 -4.33
C GLU A 4 29.62 29.35 -5.65
N ALA A 5 28.47 29.30 -6.32
CA ALA A 5 28.33 29.98 -7.60
C ALA A 5 26.90 30.50 -7.79
N PRO A 6 26.73 31.53 -8.65
CA PRO A 6 25.41 32.13 -8.85
C PRO A 6 24.39 31.17 -9.44
N TRP A 7 23.14 31.31 -9.03
CA TRP A 7 22.01 30.65 -9.68
C TRP A 7 21.90 31.28 -11.07
N PRO A 8 21.46 30.51 -12.08
CA PRO A 8 21.03 29.12 -12.05
C PRO A 8 22.15 28.12 -12.36
N PRO A 9 21.93 26.84 -12.02
CA PRO A 9 22.92 25.79 -12.30
C PRO A 9 22.85 25.36 -13.76
N PRO A 10 23.87 24.63 -14.25
CA PRO A 10 23.80 24.10 -15.61
C PRO A 10 22.90 22.86 -15.65
N GLU A 11 22.55 22.40 -16.85
CA GLU A 11 21.74 21.20 -17.00
C GLU A 11 22.42 19.99 -16.36
N GLY A 12 21.62 19.11 -15.77
CA GLY A 12 22.13 17.89 -15.19
C GLY A 12 22.52 18.02 -13.73
N ALA A 13 22.38 19.23 -13.18
CA ALA A 13 22.75 19.46 -11.79
C ALA A 13 21.80 18.75 -10.83
N PHE A 14 22.29 18.40 -9.65
CA PHE A 14 21.44 17.78 -8.64
C PHE A 14 20.89 18.83 -7.69
N VAL A 15 19.62 18.71 -7.33
CA VAL A 15 18.97 19.71 -6.50
C VAL A 15 18.90 19.30 -5.04
N GLY A 16 18.95 20.31 -4.17
CA GLY A 16 18.66 20.13 -2.75
C GLY A 16 17.60 21.15 -2.40
N PHE A 17 16.75 20.83 -1.44
CA PHE A 17 15.64 21.71 -1.10
C PHE A 17 15.13 21.45 0.31
N VAL A 18 14.55 22.48 0.92
CA VAL A 18 13.99 22.35 2.25
C VAL A 18 12.53 22.79 2.25
N LEU A 19 11.66 21.93 2.78
CA LEU A 19 10.24 22.22 2.87
C LEU A 19 9.86 22.50 4.32
N SER A 20 8.85 23.35 4.50
CA SER A 20 8.35 23.66 5.84
C SER A 20 7.70 22.46 6.51
N ARG A 21 7.21 21.52 5.69
CA ARG A 21 6.62 20.28 6.20
C ARG A 21 6.80 19.18 5.18
N LYS A 22 6.62 17.94 5.61
CA LYS A 22 6.97 16.78 4.78
C LYS A 22 6.08 16.65 3.54
N GLU A 23 4.83 17.09 3.64
CA GLU A 23 3.86 16.91 2.57
C GLU A 23 4.01 17.99 1.50
N PRO A 24 4.45 17.59 0.29
CA PRO A 24 4.78 18.57 -0.75
C PRO A 24 3.60 19.44 -1.21
N MET A 25 2.38 18.91 -1.18
CA MET A 25 1.21 19.70 -1.57
C MET A 25 0.90 20.79 -0.55
N TRP A 26 1.39 20.63 0.67
CA TRP A 26 1.09 21.57 1.75
C TRP A 26 2.29 22.40 2.19
N ALA A 27 3.47 22.08 1.63
CA ALA A 27 4.71 22.68 2.10
C ALA A 27 5.03 24.03 1.48
N ASP A 28 5.71 24.86 2.27
CA ASP A 28 6.37 26.06 1.76
C ASP A 28 7.79 25.68 1.36
N LEU A 29 8.19 26.07 0.16
CA LEU A 29 9.56 25.85 -0.29
C LEU A 29 10.46 26.90 0.35
N LEU A 30 11.19 26.49 1.39
CA LEU A 30 11.97 27.42 2.19
C LEU A 30 13.32 27.73 1.57
N ALA A 31 13.89 26.74 0.88
CA ALA A 31 15.17 26.94 0.21
C ALA A 31 15.38 25.93 -0.91
N LEU A 32 16.26 26.30 -1.84
CA LEU A 32 16.50 25.50 -3.04
C LEU A 32 17.94 25.73 -3.47
N ALA A 33 18.64 24.65 -3.77
CA ALA A 33 20.01 24.77 -4.25
C ALA A 33 20.31 23.68 -5.26
N ALA A 34 21.42 23.82 -5.96
CA ALA A 34 21.82 22.80 -6.92
C ALA A 34 23.33 22.63 -6.96
N ALA A 35 23.77 21.42 -7.27
CA ALA A 35 25.18 21.07 -7.27
C ALA A 35 25.57 20.33 -8.55
N ARG A 36 26.70 20.70 -9.13
CA ARG A 36 27.23 19.95 -10.27
C ARG A 36 28.66 20.44 -10.52
N GLY A 37 29.54 19.52 -10.89
CA GLY A 37 30.88 19.86 -11.31
C GLY A 37 31.65 20.69 -10.29
N GLY A 38 31.57 20.27 -9.03
CA GLY A 38 32.31 20.92 -7.96
C GLY A 38 31.79 22.32 -7.63
N ARG A 39 30.55 22.59 -7.99
CA ARG A 39 29.93 23.87 -7.68
C ARG A 39 28.59 23.71 -6.98
N VAL A 40 28.26 24.66 -6.10
CA VAL A 40 26.93 24.70 -5.48
C VAL A 40 26.28 26.05 -5.78
N HIS A 41 25.04 25.99 -6.27
CA HIS A 41 24.28 27.19 -6.61
C HIS A 41 23.09 27.32 -5.68
N ARG A 42 23.04 28.42 -4.93
CA ARG A 42 21.92 28.65 -4.01
C ARG A 42 20.94 29.69 -4.56
N ALA A 43 19.67 29.32 -4.60
CA ALA A 43 18.64 30.18 -5.18
C ALA A 43 18.13 31.23 -4.19
N PRO A 44 18.23 32.52 -4.57
CA PRO A 44 17.77 33.62 -3.72
C PRO A 44 16.25 33.60 -3.55
N GLU A 45 15.55 33.20 -4.60
CA GLU A 45 14.09 33.10 -4.58
C GLU A 45 13.68 31.72 -5.04
N PRO A 46 13.43 30.80 -4.09
CA PRO A 46 13.23 29.38 -4.39
C PRO A 46 12.10 29.12 -5.40
N TYR A 47 10.93 29.69 -5.15
CA TYR A 47 9.78 29.48 -6.05
C TYR A 47 10.09 29.89 -7.48
N LYS A 48 10.58 31.12 -7.67
CA LYS A 48 10.91 31.62 -8.99
C LYS A 48 12.03 30.79 -9.64
N ALA A 49 12.97 30.38 -8.81
CA ALA A 49 14.12 29.58 -9.28
C ALA A 49 13.73 28.25 -9.90
N LEU A 50 12.58 27.71 -9.48
CA LEU A 50 12.09 26.44 -10.01
C LEU A 50 11.97 26.43 -11.53
N ARG A 51 11.55 27.54 -12.12
CA ARG A 51 11.35 27.63 -13.56
CA ARG A 51 11.34 27.61 -13.56
C ARG A 51 12.65 27.45 -14.33
N ASP A 52 13.79 27.57 -13.65
CA ASP A 52 15.08 27.42 -14.29
C ASP A 52 15.49 25.96 -14.45
N LEU A 53 14.82 25.06 -13.73
CA LEU A 53 15.20 23.65 -13.75
C LEU A 53 14.50 22.91 -14.89
N LYS A 54 15.22 22.01 -15.53
CA LYS A 54 14.61 21.17 -16.57
C LYS A 54 14.03 19.91 -15.95
N GLU A 55 14.55 19.52 -14.80
CA GLU A 55 14.02 18.37 -14.08
C GLU A 55 14.51 18.40 -12.64
N ALA A 56 13.82 17.66 -11.78
CA ALA A 56 14.24 17.50 -10.39
C ALA A 56 15.03 16.22 -10.24
N ARG A 57 16.34 16.33 -10.10
CA ARG A 57 17.23 15.18 -9.95
CA ARG A 57 17.16 15.15 -9.89
C ARG A 57 17.95 15.26 -8.60
N GLY A 58 17.72 14.27 -7.74
CA GLY A 58 18.34 14.27 -6.42
C GLY A 58 17.46 13.55 -5.41
N LEU A 59 17.85 13.62 -4.15
CA LEU A 59 17.10 12.97 -3.09
C LEU A 59 15.67 13.51 -3.01
N LEU A 60 14.70 12.59 -2.89
CA LEU A 60 13.28 12.94 -2.82
C LEU A 60 12.82 13.82 -3.98
N ALA A 61 13.37 13.57 -5.16
CA ALA A 61 13.03 14.28 -6.39
C ALA A 61 11.52 14.47 -6.59
N LYS A 62 10.75 13.41 -6.36
CA LYS A 62 9.30 13.46 -6.55
C LYS A 62 8.63 14.56 -5.73
N ASP A 63 9.09 14.76 -4.49
CA ASP A 63 8.50 15.78 -3.63
C ASP A 63 8.62 17.18 -4.24
N LEU A 64 9.79 17.50 -4.77
CA LEU A 64 10.00 18.81 -5.39
C LEU A 64 9.14 18.93 -6.64
N SER A 65 9.04 17.84 -7.40
CA SER A 65 8.22 17.82 -8.61
CA SER A 65 8.22 17.83 -8.61
C SER A 65 6.75 18.09 -8.31
N VAL A 66 6.23 17.45 -7.26
CA VAL A 66 4.85 17.64 -6.86
C VAL A 66 4.59 19.09 -6.48
N LEU A 67 5.54 19.71 -5.79
CA LEU A 67 5.40 21.10 -5.38
C LEU A 67 5.43 21.99 -6.62
N ALA A 68 6.28 21.65 -7.58
CA ALA A 68 6.35 22.38 -8.83
C ALA A 68 5.04 22.29 -9.60
N LEU A 69 4.51 21.07 -9.71
CA LEU A 69 3.23 20.83 -10.37
C LEU A 69 2.10 21.60 -9.69
N ARG A 70 2.16 21.66 -8.36
CA ARG A 70 1.19 22.41 -7.57
C ARG A 70 1.19 23.88 -8.00
N GLU A 71 2.37 24.39 -8.32
CA GLU A 71 2.53 25.79 -8.68
C GLU A 71 2.35 26.02 -10.18
N GLY A 72 1.93 24.98 -10.89
CA GLY A 72 1.65 25.08 -12.32
C GLY A 72 2.85 24.90 -13.22
N LEU A 73 3.93 24.35 -12.67
CA LEU A 73 5.14 24.12 -13.46
C LEU A 73 5.34 22.64 -13.77
N GLY A 74 5.52 22.32 -15.05
CA GLY A 74 5.71 20.94 -15.47
C GLY A 74 7.13 20.46 -15.27
N LEU A 75 7.54 20.34 -14.01
CA LEU A 75 8.89 19.93 -13.67
C LEU A 75 8.90 18.45 -13.28
N PRO A 76 9.46 17.59 -14.16
CA PRO A 76 9.45 16.16 -13.84
C PRO A 76 10.60 15.76 -12.93
N PRO A 77 10.42 14.68 -12.16
CA PRO A 77 11.51 14.10 -11.35
C PRO A 77 12.40 13.21 -12.20
N GLY A 78 13.69 13.23 -11.92
CA GLY A 78 14.64 12.41 -12.66
C GLY A 78 15.32 11.46 -11.69
N ASP A 79 16.63 11.27 -11.84
CA ASP A 79 17.37 10.39 -10.94
C ASP A 79 17.15 10.77 -9.49
N ASP A 80 17.01 9.75 -8.64
CA ASP A 80 16.87 9.94 -7.21
C ASP A 80 17.65 8.82 -6.52
N PRO A 81 18.70 9.18 -5.78
CA PRO A 81 19.51 8.15 -5.09
C PRO A 81 18.69 7.25 -4.17
N MET A 82 17.58 7.75 -3.64
CA MET A 82 16.72 6.94 -2.77
C MET A 82 16.25 5.69 -3.52
N LEU A 83 15.88 5.86 -4.78
CA LEU A 83 15.40 4.74 -5.58
C LEU A 83 16.51 3.73 -5.85
N LEU A 84 17.72 4.21 -6.10
CA LEU A 84 18.86 3.33 -6.28
C LEU A 84 19.10 2.52 -5.01
N ALA A 85 19.09 3.21 -3.87
CA ALA A 85 19.38 2.57 -2.59
C ALA A 85 18.31 1.55 -2.23
N TYR A 86 17.05 1.91 -2.49
CA TYR A 86 15.91 1.05 -2.20
C TYR A 86 15.98 -0.25 -2.99
N LEU A 87 16.41 -0.15 -4.24
CA LEU A 87 16.55 -1.34 -5.08
CA LEU A 87 16.54 -1.35 -5.08
C LEU A 87 17.69 -2.24 -4.60
N LEU A 88 18.78 -1.63 -4.16
CA LEU A 88 19.89 -2.39 -3.59
C LEU A 88 19.48 -3.15 -2.33
N ASP A 89 18.61 -2.52 -1.54
CA ASP A 89 18.21 -3.07 -0.24
C ASP A 89 17.00 -2.28 0.23
N PRO A 90 15.83 -2.92 0.24
CA PRO A 90 14.60 -2.17 0.55
C PRO A 90 14.49 -1.74 2.01
N SER A 91 15.47 -2.08 2.85
CA SER A 91 15.50 -1.49 4.18
C SER A 91 16.06 -0.06 4.12
N ASN A 92 16.55 0.33 2.95
CA ASN A 92 16.92 1.72 2.69
C ASN A 92 15.67 2.55 2.40
N THR A 93 15.08 3.15 3.44
CA THR A 93 13.79 3.82 3.28
C THR A 93 13.81 5.32 3.60
N THR A 94 14.85 5.79 4.28
CA THR A 94 14.93 7.20 4.66
C THR A 94 16.21 7.83 4.13
N PRO A 95 16.16 9.12 3.79
CA PRO A 95 17.38 9.84 3.41
C PRO A 95 18.41 9.85 4.53
N GLU A 96 17.94 9.87 5.78
CA GLU A 96 18.82 9.83 6.94
C GLU A 96 19.69 8.57 6.89
N GLY A 97 19.04 7.43 6.72
CA GLY A 97 19.73 6.15 6.70
C GLY A 97 20.60 6.00 5.48
N VAL A 98 20.08 6.41 4.32
CA VAL A 98 20.78 6.25 3.06
C VAL A 98 22.05 7.09 3.01
N ALA A 99 21.96 8.34 3.49
CA ALA A 99 23.13 9.22 3.55
C ALA A 99 24.24 8.58 4.36
N ARG A 100 23.90 8.20 5.58
CA ARG A 100 24.87 7.62 6.50
C ARG A 100 25.53 6.39 5.87
N ARG A 101 24.72 5.56 5.20
CA ARG A 101 25.21 4.29 4.68
C ARG A 101 26.05 4.46 3.41
N TYR A 102 25.70 5.44 2.57
CA TYR A 102 26.33 5.53 1.26
C TYR A 102 27.18 6.79 1.02
N GLY A 103 27.37 7.61 2.05
CA GLY A 103 28.45 8.59 2.01
C GLY A 103 28.09 10.03 2.31
N GLY A 104 27.51 10.30 3.46
CA GLY A 104 27.25 11.67 3.85
C GLY A 104 26.32 11.79 5.04
N GLU A 105 25.70 12.95 5.19
CA GLU A 105 24.79 13.20 6.29
C GLU A 105 23.63 14.08 5.83
N TRP A 106 22.42 13.66 6.16
CA TRP A 106 21.22 14.40 5.84
C TRP A 106 21.05 15.57 6.82
N THR A 107 21.27 16.78 6.31
CA THR A 107 21.17 17.97 7.16
C THR A 107 19.93 18.77 6.77
N GLU A 108 19.81 19.98 7.31
CA GLU A 108 18.62 20.79 7.05
C GLU A 108 18.96 21.98 6.16
N GLU A 109 20.06 21.88 5.43
CA GLU A 109 20.51 22.96 4.56
C GLU A 109 20.48 22.50 3.09
N ALA A 110 19.82 23.29 2.25
CA ALA A 110 19.58 22.92 0.86
C ALA A 110 20.86 22.67 0.08
N GLY A 111 21.86 23.55 0.26
CA GLY A 111 23.12 23.41 -0.44
C GLY A 111 23.81 22.10 -0.11
N GLU A 112 23.79 21.76 1.18
CA GLU A 112 24.38 20.51 1.64
C GLU A 112 23.61 19.29 1.13
N ARG A 113 22.29 19.43 1.03
CA ARG A 113 21.45 18.39 0.45
C ARG A 113 21.71 18.19 -1.04
N ALA A 114 21.94 19.29 -1.76
CA ALA A 114 22.28 19.22 -3.17
C ALA A 114 23.59 18.48 -3.37
N ALA A 115 24.59 18.87 -2.58
CA ALA A 115 25.90 18.24 -2.66
C ALA A 115 25.84 16.76 -2.27
N LEU A 116 25.07 16.46 -1.23
CA LEU A 116 24.86 15.07 -0.79
C LEU A 116 24.23 14.25 -1.90
N SER A 117 23.19 14.79 -2.54
CA SER A 117 22.49 14.09 -3.62
C SER A 117 23.48 13.71 -4.72
N GLU A 118 24.35 14.65 -5.09
CA GLU A 118 25.31 14.44 -6.17
C GLU A 118 26.20 13.24 -5.86
N ARG A 119 26.81 13.22 -4.68
CA ARG A 119 27.81 12.21 -4.38
C ARG A 119 27.16 10.86 -4.06
N LEU A 120 25.97 10.87 -3.45
CA LEU A 120 25.25 9.62 -3.23
C LEU A 120 24.90 8.95 -4.55
N PHE A 121 24.45 9.75 -5.53
CA PHE A 121 24.12 9.18 -6.83
C PHE A 121 25.34 8.50 -7.43
N ALA A 122 26.48 9.21 -7.41
CA ALA A 122 27.72 8.66 -7.92
C ALA A 122 28.01 7.31 -7.29
N ASN A 123 28.02 7.27 -5.97
CA ASN A 123 28.35 6.04 -5.25
C ASN A 123 27.35 4.93 -5.57
N LEU A 124 26.06 5.24 -5.44
CA LEU A 124 25.01 4.23 -5.61
C LEU A 124 24.93 3.72 -7.05
N TRP A 125 25.09 4.61 -8.03
CA TRP A 125 25.13 4.22 -9.43
C TRP A 125 26.21 3.17 -9.67
N GLY A 126 27.37 3.39 -9.06
CA GLY A 126 28.48 2.46 -9.18
C GLY A 126 28.16 1.09 -8.62
N ARG A 127 27.36 1.07 -7.56
N ARG A 127 27.35 1.06 -7.57
CA ARG A 127 26.98 -0.19 -6.91
CA ARG A 127 26.99 -0.20 -6.92
C ARG A 127 25.98 -0.99 -7.73
C ARG A 127 25.99 -1.00 -7.74
N LEU A 128 25.22 -0.30 -8.58
CA LEU A 128 24.23 -0.98 -9.41
C LEU A 128 24.82 -1.48 -10.72
N GLU A 129 26.10 -1.18 -10.96
CA GLU A 129 26.80 -1.69 -12.13
C GLU A 129 27.00 -3.19 -12.00
N GLY A 130 26.69 -3.91 -13.06
CA GLY A 130 26.74 -5.37 -13.05
C GLY A 130 25.42 -5.96 -12.58
N GLU A 131 24.66 -5.18 -11.82
CA GLU A 131 23.35 -5.60 -11.34
C GLU A 131 22.32 -5.27 -12.41
N GLU A 132 22.35 -6.01 -13.52
CA GLU A 132 21.57 -5.69 -14.70
C GLU A 132 20.06 -5.69 -14.47
N ARG A 133 19.58 -6.58 -13.62
CA ARG A 133 18.15 -6.68 -13.34
CA ARG A 133 18.15 -6.66 -13.37
C ARG A 133 17.68 -5.51 -12.48
N LEU A 134 18.47 -5.17 -11.47
CA LEU A 134 18.16 -4.01 -10.64
C LEU A 134 18.24 -2.73 -11.49
N LEU A 135 19.23 -2.68 -12.37
CA LEU A 135 19.37 -1.56 -13.30
C LEU A 135 18.15 -1.45 -14.19
N TRP A 136 17.65 -2.60 -14.66
CA TRP A 136 16.47 -2.64 -15.51
C TRP A 136 15.24 -2.09 -14.77
N LEU A 137 15.08 -2.52 -13.53
CA LEU A 137 13.98 -2.05 -12.70
C LEU A 137 14.03 -0.55 -12.49
N TYR A 138 15.24 -0.04 -12.29
CA TYR A 138 15.42 1.40 -12.08
C TYR A 138 15.00 2.18 -13.32
N ARG A 139 15.59 1.81 -14.46
CA ARG A 139 15.37 2.56 -15.71
C ARG A 139 13.98 2.37 -16.30
N GLU A 140 13.45 1.15 -16.19
CA GLU A 140 12.20 0.82 -16.86
C GLU A 140 10.98 0.93 -15.96
N VAL A 141 11.19 0.93 -14.64
CA VAL A 141 10.07 0.94 -13.71
C VAL A 141 10.13 2.10 -12.72
N GLU A 142 11.08 2.06 -11.78
CA GLU A 142 11.06 3.01 -10.66
C GLU A 142 11.24 4.47 -11.09
N ARG A 143 12.25 4.76 -11.92
CA ARG A 143 12.48 6.15 -12.31
C ARG A 143 11.27 6.74 -13.07
N PRO A 144 10.77 6.05 -14.12
CA PRO A 144 9.58 6.57 -14.80
C PRO A 144 8.37 6.65 -13.87
N LEU A 145 8.21 5.66 -12.99
CA LEU A 145 7.04 5.62 -12.11
C LEU A 145 6.99 6.85 -11.21
N SER A 146 8.16 7.36 -10.82
CA SER A 146 8.21 8.51 -9.92
C SER A 146 7.55 9.73 -10.57
N ALA A 147 7.68 9.84 -11.89
CA ALA A 147 7.00 10.89 -12.65
C ALA A 147 5.49 10.67 -12.61
N VAL A 148 5.08 9.43 -12.83
CA VAL A 148 3.66 9.06 -12.81
C VAL A 148 3.06 9.40 -11.45
N LEU A 149 3.75 8.99 -10.39
CA LEU A 149 3.30 9.23 -9.02
C LEU A 149 3.22 10.73 -8.70
N ALA A 150 4.18 11.50 -9.20
CA ALA A 150 4.17 12.95 -8.97
C ALA A 150 2.88 13.57 -9.49
N HIS A 151 2.47 13.15 -10.68
CA HIS A 151 1.25 13.66 -11.30
C HIS A 151 0.01 13.23 -10.52
N MET A 152 0.02 11.99 -10.04
CA MET A 152 -1.08 11.48 -9.24
C MET A 152 -1.24 12.26 -7.94
N GLU A 153 -0.13 12.49 -7.25
CA GLU A 153 -0.16 13.23 -5.99
C GLU A 153 -0.68 14.66 -6.20
N ALA A 154 -0.23 15.30 -7.27
CA ALA A 154 -0.60 16.69 -7.52
C ALA A 154 -2.04 16.82 -8.01
N THR A 155 -2.61 15.71 -8.47
CA THR A 155 -3.96 15.73 -9.02
C THR A 155 -5.00 15.65 -7.92
N GLY A 156 -4.83 14.71 -7.01
CA GLY A 156 -5.75 14.54 -5.89
C GLY A 156 -7.06 13.89 -6.31
N VAL A 157 -7.96 13.71 -5.35
CA VAL A 157 -9.25 13.11 -5.62
C VAL A 157 -10.34 13.93 -4.96
N ARG A 158 -11.51 13.98 -5.59
CA ARG A 158 -12.63 14.77 -5.07
C ARG A 158 -13.32 14.03 -3.93
N LEU A 159 -13.79 14.79 -2.95
CA LEU A 159 -14.44 14.21 -1.79
C LEU A 159 -15.73 14.98 -1.52
N ASP A 160 -16.82 14.26 -1.25
CA ASP A 160 -18.09 14.91 -0.93
C ASP A 160 -18.07 15.30 0.55
N VAL A 161 -17.55 16.49 0.81
CA VAL A 161 -17.34 16.98 2.17
C VAL A 161 -18.66 17.19 2.93
N ALA A 162 -19.63 17.84 2.30
CA ALA A 162 -20.93 18.10 2.92
C ALA A 162 -21.56 16.80 3.43
N TYR A 163 -21.51 15.78 2.58
CA TYR A 163 -22.03 14.46 2.90
C TYR A 163 -21.36 13.88 4.15
N LEU A 164 -20.03 13.93 4.17
CA LEU A 164 -19.27 13.45 5.33
C LEU A 164 -19.60 14.22 6.60
N ARG A 165 -19.75 15.54 6.48
CA ARG A 165 -20.12 16.36 7.64
C ARG A 165 -21.43 15.86 8.22
N ALA A 166 -22.41 15.65 7.35
CA ALA A 166 -23.73 15.16 7.75
C ALA A 166 -23.62 13.80 8.41
N LEU A 167 -22.78 12.94 7.84
CA LEU A 167 -22.60 11.59 8.33
C LEU A 167 -22.04 11.60 9.77
N SER A 168 -21.08 12.48 10.02
CA SER A 168 -20.50 12.63 11.36
C SER A 168 -21.54 12.77 12.48
N LEU A 169 -22.55 13.63 12.29
CA LEU A 169 -23.56 13.85 13.32
C LEU A 169 -24.38 12.58 13.60
N GLU A 170 -24.75 11.88 12.54
CA GLU A 170 -25.51 10.65 12.68
C GLU A 170 -24.69 9.62 13.43
N VAL A 171 -23.41 9.51 13.09
CA VAL A 171 -22.54 8.54 13.73
C VAL A 171 -22.27 8.91 15.19
N ALA A 172 -22.16 10.22 15.45
CA ALA A 172 -21.99 10.71 16.81
C ALA A 172 -23.14 10.28 17.71
N GLU A 173 -24.36 10.38 17.19
CA GLU A 173 -25.54 10.02 17.97
C GLU A 173 -25.58 8.53 18.27
N GLU A 174 -25.17 7.71 17.30
CA GLU A 174 -25.13 6.26 17.51
C GLU A 174 -24.04 5.87 18.51
N ILE A 175 -22.89 6.52 18.40
CA ILE A 175 -21.80 6.29 19.35
C ILE A 175 -22.25 6.60 20.78
N ALA A 176 -22.97 7.71 20.94
CA ALA A 176 -23.46 8.10 22.25
C ALA A 176 -24.39 7.03 22.80
N ARG A 177 -25.23 6.49 21.93
CA ARG A 177 -26.16 5.43 22.30
C ARG A 177 -25.43 4.18 22.78
N LEU A 178 -24.42 3.75 22.01
CA LEU A 178 -23.64 2.57 22.37
C LEU A 178 -22.89 2.74 23.69
N GLU A 179 -22.21 3.88 23.84
CA GLU A 179 -21.36 4.10 25.01
C GLU A 179 -22.20 4.19 26.28
N ALA A 180 -23.37 4.81 26.17
CA ALA A 180 -24.28 4.92 27.32
C ALA A 180 -24.71 3.52 27.77
N GLU A 181 -25.02 2.67 26.80
CA GLU A 181 -25.37 1.28 27.08
C GLU A 181 -24.21 0.53 27.72
N VAL A 182 -23.01 0.70 27.16
CA VAL A 182 -21.81 0.06 27.70
C VAL A 182 -21.59 0.46 29.17
N PHE A 183 -21.77 1.74 29.45
CA PHE A 183 -21.58 2.25 30.82
C PHE A 183 -22.61 1.67 31.77
N ARG A 184 -23.86 1.57 31.32
CA ARG A 184 -24.91 0.95 32.12
C ARG A 184 -24.54 -0.48 32.48
N LEU A 185 -24.08 -1.23 31.49
CA LEU A 185 -23.76 -2.64 31.67
C LEU A 185 -22.54 -2.81 32.56
N ALA A 186 -21.63 -1.85 32.51
CA ALA A 186 -20.47 -1.87 33.39
C ALA A 186 -20.85 -1.46 34.80
N GLY A 187 -21.94 -0.68 34.90
CA GLY A 187 -22.37 -0.18 36.20
C GLY A 187 -21.78 1.18 36.54
N HIS A 188 -21.00 1.73 35.61
CA HIS A 188 -20.32 3.01 35.83
C HIS A 188 -19.61 3.46 34.57
N PRO A 189 -19.49 4.79 34.37
CA PRO A 189 -18.74 5.34 33.23
C PRO A 189 -17.23 5.20 33.40
N PHE A 190 -16.53 5.08 32.27
CA PHE A 190 -15.08 5.12 32.24
C PHE A 190 -14.69 5.58 30.84
N ASN A 191 -13.39 5.72 30.57
CA ASN A 191 -12.98 6.10 29.22
C ASN A 191 -12.96 4.88 28.33
N LEU A 192 -14.00 4.73 27.52
CA LEU A 192 -14.17 3.54 26.68
C LEU A 192 -13.15 3.50 25.54
N ASN A 193 -12.50 4.63 25.29
CA ASN A 193 -11.39 4.68 24.34
C ASN A 193 -10.09 4.14 24.91
N SER A 194 -10.08 3.89 26.23
CA SER A 194 -8.90 3.34 26.90
C SER A 194 -9.01 1.82 27.01
N ARG A 195 -8.15 1.11 26.28
CA ARG A 195 -8.17 -0.35 26.36
C ARG A 195 -7.69 -0.86 27.71
N ASP A 196 -6.93 -0.02 28.43
CA ASP A 196 -6.47 -0.37 29.77
C ASP A 196 -7.63 -0.35 30.77
N GLN A 197 -8.45 0.70 30.69
CA GLN A 197 -9.63 0.80 31.54
C GLN A 197 -10.63 -0.30 31.20
N LEU A 198 -10.82 -0.53 29.91
CA LEU A 198 -11.76 -1.56 29.44
C LEU A 198 -11.34 -2.96 29.88
N GLU A 199 -10.04 -3.22 29.89
CA GLU A 199 -9.51 -4.50 30.32
C GLU A 199 -9.94 -4.78 31.75
N ARG A 200 -9.87 -3.75 32.59
CA ARG A 200 -10.18 -3.90 34.00
C ARG A 200 -11.68 -4.15 34.18
N VAL A 201 -12.49 -3.50 33.36
CA VAL A 201 -13.93 -3.66 33.43
C VAL A 201 -14.34 -5.09 33.03
N LEU A 202 -13.80 -5.55 31.91
CA LEU A 202 -14.17 -6.86 31.38
C LEU A 202 -13.71 -8.02 32.25
N PHE A 203 -12.44 -8.00 32.64
CA PHE A 203 -11.80 -9.18 33.23
C PHE A 203 -11.73 -9.17 34.75
N ASP A 204 -11.77 -7.99 35.35
CA ASP A 204 -11.73 -7.88 36.81
C ASP A 204 -13.12 -7.64 37.40
N GLU A 205 -13.87 -6.74 36.79
CA GLU A 205 -15.18 -6.33 37.30
C GLU A 205 -16.37 -7.22 36.88
N LEU A 206 -16.51 -7.52 35.59
CA LEU A 206 -17.56 -8.46 35.16
C LEU A 206 -17.25 -9.95 35.26
N GLY A 207 -16.03 -10.31 35.65
CA GLY A 207 -15.61 -11.69 35.62
C GLY A 207 -15.05 -12.37 34.37
N LEU A 208 -15.07 -11.69 33.23
CA LEU A 208 -14.99 -12.35 31.94
C LEU A 208 -13.65 -13.08 31.84
N PRO A 209 -13.63 -14.30 31.28
CA PRO A 209 -12.34 -14.97 31.15
C PRO A 209 -11.47 -14.37 30.04
N ALA A 210 -10.23 -14.03 30.40
CA ALA A 210 -9.23 -13.61 29.43
C ALA A 210 -8.85 -14.75 28.51
N ILE A 211 -8.60 -14.42 27.24
CA ILE A 211 -8.28 -15.42 26.23
C ILE A 211 -6.85 -15.27 25.71
N GLY A 212 -6.38 -14.04 25.57
CA GLY A 212 -5.06 -13.81 25.04
C GLY A 212 -4.35 -12.62 25.66
N LYS A 213 -3.05 -12.51 25.39
CA LYS A 213 -2.21 -11.48 25.98
C LYS A 213 -1.61 -10.62 24.89
N THR A 214 -1.28 -9.38 25.23
CA THR A 214 -0.72 -8.47 24.23
C THR A 214 0.78 -8.70 24.09
N GLU A 215 1.34 -8.26 22.97
CA GLU A 215 2.69 -8.67 22.58
C GLU A 215 3.79 -8.11 23.47
N LYS A 216 3.84 -6.78 23.59
CA LYS A 216 4.99 -6.12 24.21
C LYS A 216 4.91 -6.03 25.73
N THR A 217 3.71 -5.84 26.27
CA THR A 217 3.55 -5.61 27.71
C THR A 217 2.74 -6.68 28.42
N GLY A 218 2.21 -7.64 27.67
CA GLY A 218 1.54 -8.79 28.24
C GLY A 218 0.28 -8.49 29.04
N LYS A 219 -0.45 -7.45 28.63
CA LYS A 219 -1.74 -7.16 29.23
C LYS A 219 -2.77 -8.14 28.67
N ARG A 220 -3.90 -8.26 29.34
CA ARG A 220 -4.99 -9.09 28.83
C ARG A 220 -5.62 -8.37 27.65
N SER A 221 -5.58 -9.00 26.49
CA SER A 221 -6.02 -8.35 25.25
C SER A 221 -7.53 -8.12 25.20
N THR A 222 -7.92 -7.00 24.59
CA THR A 222 -9.33 -6.72 24.34
C THR A 222 -9.58 -6.58 22.84
N SER A 223 -8.75 -7.24 22.04
CA SER A 223 -8.84 -7.14 20.59
C SER A 223 -10.15 -7.74 20.08
N ALA A 224 -10.47 -7.44 18.83
CA ALA A 224 -11.71 -7.91 18.22
C ALA A 224 -11.77 -9.43 18.21
N ALA A 225 -10.61 -10.05 18.03
CA ALA A 225 -10.52 -11.51 18.03
C ALA A 225 -10.95 -12.06 19.40
N VAL A 226 -10.49 -11.41 20.46
CA VAL A 226 -10.83 -11.80 21.82
C VAL A 226 -12.31 -11.56 22.11
N LEU A 227 -12.81 -10.40 21.69
CA LEU A 227 -14.19 -10.03 21.94
C LEU A 227 -15.16 -10.93 21.15
N GLU A 228 -14.77 -11.29 19.93
CA GLU A 228 -15.56 -12.22 19.13
C GLU A 228 -15.77 -13.52 19.87
N ALA A 229 -14.70 -14.05 20.46
CA ALA A 229 -14.77 -15.29 21.21
C ALA A 229 -15.66 -15.17 22.45
N LEU A 230 -15.83 -13.94 22.95
CA LEU A 230 -16.59 -13.68 24.17
C LEU A 230 -17.99 -13.11 23.90
N ARG A 231 -18.45 -13.18 22.66
CA ARG A 231 -19.70 -12.55 22.25
C ARG A 231 -20.91 -13.07 23.03
N GLU A 232 -20.87 -14.34 23.41
CA GLU A 232 -22.02 -14.98 24.06
C GLU A 232 -21.80 -15.16 25.55
N ALA A 233 -20.87 -14.38 26.11
CA ALA A 233 -20.54 -14.48 27.52
C ALA A 233 -21.16 -13.32 28.32
N HIS A 234 -21.42 -12.21 27.63
CA HIS A 234 -21.97 -11.02 28.29
C HIS A 234 -22.44 -10.02 27.24
N PRO A 235 -23.58 -9.34 27.51
CA PRO A 235 -24.15 -8.43 26.50
C PRO A 235 -23.27 -7.22 26.21
N ILE A 236 -22.37 -6.86 27.13
CA ILE A 236 -21.54 -5.67 26.96
C ILE A 236 -20.58 -5.86 25.79
N VAL A 237 -20.25 -7.11 25.49
CA VAL A 237 -19.24 -7.42 24.50
C VAL A 237 -19.64 -6.96 23.10
N GLU A 238 -20.83 -7.37 22.68
CA GLU A 238 -21.34 -6.99 21.38
C GLU A 238 -21.40 -5.47 21.24
N LYS A 239 -21.80 -4.80 22.32
CA LYS A 239 -21.89 -3.35 22.36
C LYS A 239 -20.53 -2.68 22.16
N ILE A 240 -19.49 -3.26 22.76
CA ILE A 240 -18.13 -2.75 22.63
C ILE A 240 -17.64 -2.90 21.20
N LEU A 241 -17.90 -4.06 20.59
CA LEU A 241 -17.51 -4.31 19.21
C LEU A 241 -18.14 -3.27 18.26
N GLN A 242 -19.40 -2.95 18.50
CA GLN A 242 -20.09 -1.97 17.67
C GLN A 242 -19.50 -0.58 17.90
N TYR A 243 -19.23 -0.26 19.16
CA TYR A 243 -18.61 1.01 19.53
C TYR A 243 -17.26 1.17 18.83
N ARG A 244 -16.48 0.10 18.85
CA ARG A 244 -15.15 0.10 18.23
C ARG A 244 -15.24 0.38 16.74
N GLU A 245 -16.18 -0.26 16.07
CA GLU A 245 -16.35 -0.12 14.64
C GLU A 245 -16.68 1.33 14.29
N LEU A 246 -17.65 1.89 15.01
CA LEU A 246 -18.13 3.24 14.74
C LEU A 246 -17.06 4.30 15.03
N THR A 247 -16.40 4.19 16.17
CA THR A 247 -15.41 5.18 16.58
C THR A 247 -14.14 5.13 15.70
N LYS A 248 -13.76 3.93 15.29
CA LYS A 248 -12.63 3.76 14.38
C LYS A 248 -12.88 4.54 13.09
N LEU A 249 -14.07 4.37 12.51
CA LEU A 249 -14.38 4.98 11.23
C LEU A 249 -14.53 6.49 11.36
N LYS A 250 -15.13 6.94 12.46
CA LYS A 250 -15.33 8.37 12.67
C LYS A 250 -13.98 9.08 12.90
N SER A 251 -13.18 8.54 13.82
CA SER A 251 -11.91 9.16 14.21
C SER A 251 -10.87 9.14 13.09
N THR A 252 -10.92 8.13 12.24
CA THR A 252 -9.87 7.92 11.23
C THR A 252 -10.24 8.49 9.86
N TYR A 253 -11.53 8.47 9.52
CA TYR A 253 -11.96 8.90 8.19
C TYR A 253 -12.96 10.06 8.21
N ILE A 254 -14.10 9.86 8.87
CA ILE A 254 -15.21 10.80 8.78
C ILE A 254 -14.81 12.21 9.22
N ASP A 255 -14.06 12.29 10.32
CA ASP A 255 -13.73 13.59 10.90
C ASP A 255 -12.47 14.25 10.29
N PRO A 256 -11.36 13.48 10.14
CA PRO A 256 -10.13 14.10 9.62
C PRO A 256 -10.18 14.52 8.15
N LEU A 257 -10.71 13.66 7.29
CA LEU A 257 -10.61 13.85 5.84
C LEU A 257 -11.20 15.17 5.31
N PRO A 258 -12.43 15.54 5.75
CA PRO A 258 -12.96 16.80 5.22
C PRO A 258 -12.07 18.01 5.53
N ASP A 259 -11.26 17.91 6.59
CA ASP A 259 -10.37 18.98 6.99
C ASP A 259 -9.10 19.04 6.15
N LEU A 260 -8.89 18.05 5.28
CA LEU A 260 -7.65 17.96 4.53
C LEU A 260 -7.83 18.32 3.06
N ILE A 261 -9.00 18.85 2.69
CA ILE A 261 -9.21 19.32 1.33
C ILE A 261 -8.30 20.50 1.03
N HIS A 262 -7.58 20.42 -0.09
CA HIS A 262 -6.63 21.46 -0.43
C HIS A 262 -7.38 22.67 -0.99
N PRO A 263 -7.09 23.86 -0.45
CA PRO A 263 -7.77 25.11 -0.79
C PRO A 263 -7.71 25.49 -2.28
N ARG A 264 -6.62 25.14 -2.96
CA ARG A 264 -6.46 25.51 -4.36
C ARG A 264 -7.18 24.55 -5.30
N THR A 265 -7.04 23.25 -5.02
CA THR A 265 -7.52 22.21 -5.93
C THR A 265 -8.94 21.79 -5.54
N GLY A 266 -9.28 22.00 -4.28
CA GLY A 266 -10.57 21.55 -3.75
C GLY A 266 -10.64 20.04 -3.77
N ARG A 267 -9.48 19.39 -3.77
CA ARG A 267 -9.41 17.93 -3.72
C ARG A 267 -8.48 17.44 -2.61
N LEU A 268 -8.52 16.13 -2.38
CA LEU A 268 -7.75 15.47 -1.32
C LEU A 268 -6.49 14.84 -1.92
N HIS A 269 -5.32 15.21 -1.39
CA HIS A 269 -4.05 14.76 -1.96
C HIS A 269 -3.24 13.88 -1.02
N THR A 270 -2.91 12.67 -1.48
CA THR A 270 -2.09 11.74 -0.70
C THR A 270 -0.64 11.76 -1.17
N ARG A 271 0.21 11.04 -0.44
CA ARG A 271 1.60 10.84 -0.85
C ARG A 271 1.77 9.37 -1.21
N PHE A 272 2.32 9.09 -2.38
CA PHE A 272 2.63 7.72 -2.76
C PHE A 272 4.11 7.42 -2.56
N ASN A 273 4.43 6.76 -1.45
CA ASN A 273 5.80 6.52 -1.06
C ASN A 273 6.40 5.34 -1.81
N GLN A 274 7.51 5.59 -2.50
CA GLN A 274 8.09 4.61 -3.40
C GLN A 274 9.15 3.74 -2.72
N THR A 275 9.67 4.21 -1.60
CA THR A 275 10.71 3.47 -0.89
C THR A 275 10.31 3.22 0.55
N ALA A 276 9.19 2.52 0.74
CA ALA A 276 8.59 2.40 2.07
C ALA A 276 8.31 0.98 2.52
N THR A 277 8.30 0.02 1.59
CA THR A 277 7.94 -1.36 1.94
C THR A 277 9.04 -2.36 1.65
N ALA A 278 9.00 -3.49 2.35
CA ALA A 278 10.00 -4.55 2.21
C ALA A 278 9.82 -5.37 0.93
N THR A 279 8.68 -5.23 0.25
CA THR A 279 8.37 -6.13 -0.86
C THR A 279 8.33 -5.42 -2.21
N GLY A 280 8.34 -4.10 -2.21
CA GLY A 280 8.22 -3.36 -3.45
C GLY A 280 6.85 -2.75 -3.69
N ARG A 281 5.91 -3.02 -2.79
CA ARG A 281 4.64 -2.31 -2.84
C ARG A 281 4.87 -0.83 -2.60
N LEU A 282 3.97 0.00 -3.09
CA LEU A 282 3.91 1.39 -2.67
C LEU A 282 3.25 1.44 -1.29
N SER A 283 3.41 2.57 -0.61
CA SER A 283 2.49 2.90 0.47
C SER A 283 1.89 4.28 0.21
N SER A 284 0.86 4.62 0.98
CA SER A 284 0.18 5.90 0.81
C SER A 284 0.08 6.53 2.20
N SER A 285 0.35 7.83 2.30
CA SER A 285 0.28 8.49 3.60
C SER A 285 -0.10 9.96 3.51
N ASP A 286 -0.60 10.49 4.63
CA ASP A 286 -0.81 11.93 4.81
C ASP A 286 -1.85 12.53 3.86
N PRO A 287 -3.05 11.92 3.77
CA PRO A 287 -3.55 10.76 4.49
C PRO A 287 -3.35 9.48 3.67
N ASN A 288 -3.43 8.34 4.34
CA ASN A 288 -3.39 7.04 3.66
C ASN A 288 -4.70 6.84 2.90
N LEU A 289 -4.62 6.76 1.58
CA LEU A 289 -5.82 6.54 0.78
C LEU A 289 -5.90 5.10 0.26
N GLN A 290 -5.01 4.25 0.76
CA GLN A 290 -5.04 2.83 0.43
C GLN A 290 -5.77 1.99 1.49
N ASN A 291 -6.34 2.64 2.50
CA ASN A 291 -7.15 1.89 3.47
C ASN A 291 -8.52 2.52 3.71
N ILE A 292 -9.09 3.12 2.67
CA ILE A 292 -10.45 3.62 2.76
C ILE A 292 -11.40 2.43 2.96
N PRO A 293 -12.35 2.55 3.92
CA PRO A 293 -13.25 1.45 4.30
C PRO A 293 -14.08 0.91 3.14
N VAL A 294 -14.51 -0.34 3.22
CA VAL A 294 -15.39 -0.91 2.21
C VAL A 294 -16.20 -2.13 2.68
N ARG A 295 -15.79 -2.75 3.78
CA ARG A 295 -16.43 -4.01 4.19
C ARG A 295 -17.80 -3.83 4.85
N THR A 296 -17.93 -2.87 5.76
CA THR A 296 -19.19 -2.69 6.50
C THR A 296 -20.11 -1.64 5.89
N PRO A 297 -21.40 -1.62 6.32
CA PRO A 297 -22.33 -0.61 5.80
C PRO A 297 -21.85 0.82 5.96
N LEU A 298 -21.40 1.20 7.16
CA LEU A 298 -20.88 2.55 7.38
C LEU A 298 -19.62 2.78 6.55
N GLY A 299 -18.77 1.76 6.49
CA GLY A 299 -17.58 1.83 5.68
C GLY A 299 -17.88 2.15 4.23
N GLN A 300 -18.90 1.49 3.68
CA GLN A 300 -19.29 1.71 2.31
C GLN A 300 -19.78 3.14 2.10
N ARG A 301 -20.50 3.66 3.09
CA ARG A 301 -21.01 5.03 3.05
C ARG A 301 -19.85 6.02 3.00
N ILE A 302 -18.74 5.67 3.64
CA ILE A 302 -17.58 6.54 3.63
C ILE A 302 -16.92 6.46 2.25
N ARG A 303 -16.77 5.25 1.73
CA ARG A 303 -16.16 5.08 0.41
C ARG A 303 -16.96 5.84 -0.66
N ARG A 304 -18.27 5.99 -0.46
CA ARG A 304 -19.08 6.70 -1.44
C ARG A 304 -18.79 8.20 -1.47
N ALA A 305 -18.06 8.70 -0.47
CA ALA A 305 -17.71 10.11 -0.44
C ALA A 305 -16.62 10.44 -1.47
N PHE A 306 -15.96 9.41 -1.96
CA PHE A 306 -14.91 9.60 -2.97
C PHE A 306 -15.55 9.62 -4.35
N ILE A 307 -15.60 10.80 -4.95
CA ILE A 307 -16.41 11.00 -6.13
C ILE A 307 -15.63 11.53 -7.33
N ALA A 308 -16.22 11.36 -8.51
CA ALA A 308 -15.67 11.89 -9.75
C ALA A 308 -15.98 13.38 -9.84
N GLU A 309 -15.10 14.13 -10.50
CA GLU A 309 -15.39 15.51 -10.83
C GLU A 309 -16.68 15.56 -11.66
N GLU A 310 -17.43 16.64 -11.54
CA GLU A 310 -18.65 16.82 -12.34
C GLU A 310 -18.35 16.68 -13.82
N GLY A 311 -19.12 15.85 -14.51
CA GLY A 311 -18.91 15.64 -15.93
C GLY A 311 -17.93 14.50 -16.19
N TRP A 312 -17.42 13.91 -15.11
CA TRP A 312 -16.46 12.83 -15.21
C TRP A 312 -16.99 11.58 -14.51
N LEU A 313 -16.31 10.45 -14.71
CA LEU A 313 -16.62 9.22 -14.00
C LEU A 313 -15.34 8.60 -13.46
N LEU A 314 -15.45 7.89 -12.34
CA LEU A 314 -14.33 7.09 -11.86
C LEU A 314 -14.30 5.76 -12.58
N VAL A 315 -13.11 5.28 -12.89
CA VAL A 315 -12.95 3.93 -13.41
C VAL A 315 -12.02 3.15 -12.47
N ALA A 316 -12.52 2.04 -11.93
CA ALA A 316 -11.72 1.20 -11.04
C ALA A 316 -11.37 -0.12 -11.70
N LEU A 317 -10.08 -0.45 -11.69
CA LEU A 317 -9.59 -1.70 -12.28
C LEU A 317 -8.79 -2.49 -11.24
N ASP A 318 -9.06 -3.79 -11.15
CA ASP A 318 -8.51 -4.64 -10.08
C ASP A 318 -8.17 -6.01 -10.62
N TYR A 319 -6.88 -6.36 -10.52
CA TYR A 319 -6.41 -7.66 -10.98
C TYR A 319 -7.11 -8.77 -10.22
N SER A 320 -7.57 -9.78 -10.94
CA SER A 320 -8.28 -10.91 -10.33
C SER A 320 -7.32 -11.93 -9.72
N GLN A 321 -7.53 -12.27 -8.45
CA GLN A 321 -6.79 -13.32 -7.74
C GLN A 321 -5.29 -13.21 -8.02
N ILE A 322 -4.77 -12.00 -7.94
CA ILE A 322 -3.46 -11.71 -8.55
C ILE A 322 -2.29 -12.52 -7.98
N GLU A 323 -2.17 -12.59 -6.65
CA GLU A 323 -1.04 -13.29 -6.06
C GLU A 323 -1.12 -14.80 -6.31
N LEU A 324 -2.35 -15.31 -6.45
CA LEU A 324 -2.53 -16.72 -6.78
C LEU A 324 -2.04 -17.00 -8.20
N ARG A 325 -2.40 -16.12 -9.14
CA ARG A 325 -1.93 -16.24 -10.51
C ARG A 325 -0.41 -16.16 -10.56
N VAL A 326 0.15 -15.21 -9.82
CA VAL A 326 1.60 -15.02 -9.77
C VAL A 326 2.25 -16.28 -9.22
N LEU A 327 1.65 -16.86 -8.19
CA LEU A 327 2.18 -18.06 -7.56
C LEU A 327 2.20 -19.22 -8.58
N ALA A 328 1.15 -19.30 -9.38
CA ALA A 328 1.06 -20.31 -10.44
C ALA A 328 2.28 -20.21 -11.35
N HIS A 329 2.59 -19.00 -11.76
CA HIS A 329 3.73 -18.75 -12.65
C HIS A 329 5.06 -19.08 -11.98
N LEU A 330 5.24 -18.61 -10.76
CA LEU A 330 6.52 -18.79 -10.06
C LEU A 330 6.79 -20.25 -9.73
N SER A 331 5.74 -20.97 -9.34
CA SER A 331 5.87 -22.35 -8.88
C SER A 331 5.83 -23.33 -10.04
N GLY A 332 5.10 -22.97 -11.08
CA GLY A 332 4.89 -23.83 -12.23
C GLY A 332 4.00 -25.03 -11.92
N ASP A 333 3.15 -24.90 -10.91
CA ASP A 333 2.23 -25.98 -10.55
C ASP A 333 1.15 -26.14 -11.62
N GLU A 334 1.09 -27.32 -12.23
CA GLU A 334 0.14 -27.60 -13.30
C GLU A 334 -1.30 -27.45 -12.83
N ASN A 335 -1.61 -28.04 -11.69
CA ASN A 335 -2.94 -27.99 -11.10
C ASN A 335 -3.42 -26.55 -10.93
N LEU A 336 -2.54 -25.69 -10.42
CA LEU A 336 -2.90 -24.30 -10.18
C LEU A 336 -3.06 -23.55 -11.51
N ILE A 337 -2.10 -23.73 -12.40
CA ILE A 337 -2.18 -23.17 -13.76
C ILE A 337 -3.47 -23.58 -14.46
N ARG A 338 -3.86 -24.83 -14.30
CA ARG A 338 -5.07 -25.35 -14.94
C ARG A 338 -6.32 -24.66 -14.40
N VAL A 339 -6.35 -24.40 -13.11
CA VAL A 339 -7.47 -23.70 -12.48
C VAL A 339 -7.77 -22.37 -13.19
N PHE A 340 -6.71 -21.65 -13.54
CA PHE A 340 -6.87 -20.33 -14.14
C PHE A 340 -7.13 -20.41 -15.64
N GLN A 341 -6.56 -21.42 -16.29
CA GLN A 341 -6.84 -21.67 -17.70
C GLN A 341 -8.32 -22.04 -17.90
N GLU A 342 -8.95 -22.55 -16.85
CA GLU A 342 -10.35 -22.96 -16.93
C GLU A 342 -11.28 -21.86 -16.44
N GLY A 343 -10.73 -20.67 -16.19
CA GLY A 343 -11.53 -19.53 -15.77
C GLY A 343 -12.22 -19.73 -14.43
N ARG A 344 -11.59 -20.49 -13.54
CA ARG A 344 -12.15 -20.73 -12.22
C ARG A 344 -11.78 -19.64 -11.21
N ASP A 345 -12.49 -19.62 -10.08
CA ASP A 345 -12.27 -18.62 -9.04
C ASP A 345 -12.07 -19.33 -7.70
N ILE A 346 -10.86 -19.27 -7.18
CA ILE A 346 -10.49 -19.99 -5.97
C ILE A 346 -11.12 -19.35 -4.74
N HIS A 347 -11.32 -18.04 -4.79
CA HIS A 347 -11.95 -17.34 -3.68
C HIS A 347 -13.41 -17.74 -3.54
N THR A 348 -14.12 -17.82 -4.67
CA THR A 348 -15.51 -18.22 -4.68
C THR A 348 -15.67 -19.68 -4.24
N GLU A 349 -14.77 -20.53 -4.71
CA GLU A 349 -14.80 -21.96 -4.37
C GLU A 349 -14.57 -22.19 -2.88
N THR A 350 -13.57 -21.53 -2.32
CA THR A 350 -13.31 -21.59 -0.88
C THR A 350 -14.55 -21.10 -0.13
N ALA A 351 -15.18 -20.05 -0.66
CA ALA A 351 -16.33 -19.43 -0.03
C ALA A 351 -17.49 -20.40 0.00
N SER A 352 -17.72 -21.08 -1.12
CA SER A 352 -18.80 -22.06 -1.22
C SER A 352 -18.61 -23.16 -0.18
N TRP A 353 -17.37 -23.55 0.06
CA TRP A 353 -17.05 -24.54 1.08
C TRP A 353 -17.32 -23.98 2.47
N MET A 354 -16.76 -22.80 2.75
CA MET A 354 -16.89 -22.15 4.05
C MET A 354 -18.33 -22.03 4.53
N PHE A 355 -19.19 -21.46 3.70
CA PHE A 355 -20.55 -21.17 4.11
C PHE A 355 -21.52 -22.30 3.74
N GLY A 356 -20.99 -23.36 3.13
CA GLY A 356 -21.77 -24.52 2.78
C GLY A 356 -22.92 -24.19 1.85
N VAL A 357 -22.60 -23.54 0.73
CA VAL A 357 -23.61 -23.20 -0.28
C VAL A 357 -23.01 -23.34 -1.66
N PRO A 358 -23.86 -23.55 -2.69
CA PRO A 358 -23.34 -23.63 -4.06
C PRO A 358 -22.57 -22.37 -4.45
N ARG A 359 -21.67 -22.50 -5.42
CA ARG A 359 -20.79 -21.41 -5.83
C ARG A 359 -21.60 -20.18 -6.28
N GLU A 360 -22.79 -20.42 -6.80
CA GLU A 360 -23.67 -19.35 -7.28
C GLU A 360 -24.31 -18.57 -6.12
N ALA A 361 -24.39 -19.21 -4.95
CA ALA A 361 -25.02 -18.62 -3.78
C ALA A 361 -24.09 -17.65 -3.05
N VAL A 362 -22.80 -17.74 -3.35
CA VAL A 362 -21.78 -16.90 -2.72
C VAL A 362 -21.96 -15.42 -3.05
N ASP A 363 -22.19 -14.62 -2.02
CA ASP A 363 -22.26 -13.17 -2.15
C ASP A 363 -20.86 -12.55 -1.98
N PRO A 364 -20.71 -11.24 -2.29
CA PRO A 364 -19.38 -10.60 -2.15
C PRO A 364 -18.76 -10.75 -0.77
N LEU A 365 -19.52 -10.50 0.30
CA LEU A 365 -18.97 -10.57 1.65
C LEU A 365 -18.48 -11.97 2.01
N MET A 366 -19.09 -12.99 1.42
CA MET A 366 -18.64 -14.37 1.62
C MET A 366 -17.31 -14.58 0.91
N ARG A 367 -17.25 -14.18 -0.35
CA ARG A 367 -16.04 -14.29 -1.15
C ARG A 367 -14.88 -13.55 -0.48
N ARG A 368 -15.15 -12.34 -0.02
CA ARG A 368 -14.15 -11.54 0.66
C ARG A 368 -13.61 -12.30 1.89
N ALA A 369 -14.51 -12.85 2.69
CA ALA A 369 -14.12 -13.67 3.84
C ALA A 369 -13.18 -14.78 3.41
N ALA A 370 -13.50 -15.41 2.28
CA ALA A 370 -12.72 -16.54 1.75
C ALA A 370 -11.35 -16.10 1.27
N LYS A 371 -11.28 -14.84 0.84
N LYS A 371 -11.27 -14.84 0.83
CA LYS A 371 -10.04 -14.26 0.38
CA LYS A 371 -10.02 -14.27 0.37
C LYS A 371 -9.01 -14.26 1.51
C LYS A 371 -9.00 -14.23 1.50
N THR A 372 -9.46 -13.82 2.69
CA THR A 372 -8.61 -13.76 3.87
C THR A 372 -8.12 -15.16 4.22
N ILE A 373 -9.00 -16.13 4.10
CA ILE A 373 -8.69 -17.52 4.40
C ILE A 373 -7.68 -18.12 3.42
N ASN A 374 -7.88 -17.87 2.13
CA ASN A 374 -7.00 -18.40 1.11
C ASN A 374 -5.55 -17.91 1.21
N PHE A 375 -5.38 -16.60 1.40
CA PHE A 375 -4.05 -16.03 1.54
C PHE A 375 -3.49 -16.30 2.93
N GLY A 376 -4.36 -16.26 3.94
CA GLY A 376 -3.97 -16.61 5.29
C GLY A 376 -3.30 -17.98 5.31
N VAL A 377 -4.00 -18.98 4.78
CA VAL A 377 -3.49 -20.34 4.74
C VAL A 377 -2.23 -20.46 3.87
N LEU A 378 -2.23 -19.78 2.72
CA LEU A 378 -1.11 -19.83 1.80
C LEU A 378 0.18 -19.40 2.48
N TYR A 379 0.11 -18.32 3.26
CA TYR A 379 1.31 -17.74 3.85
C TYR A 379 1.54 -18.18 5.29
N GLY A 380 0.95 -19.31 5.67
CA GLY A 380 1.32 -19.99 6.91
C GLY A 380 0.43 -19.85 8.13
N MET A 381 -0.85 -19.56 7.94
CA MET A 381 -1.79 -19.48 9.06
C MET A 381 -1.84 -20.81 9.82
N SER A 382 -2.08 -20.74 11.13
CA SER A 382 -2.17 -21.95 11.94
C SER A 382 -3.59 -22.48 11.98
N ALA A 383 -3.72 -23.80 12.10
CA ALA A 383 -5.02 -24.44 12.16
C ALA A 383 -5.87 -23.89 13.32
N HIS A 384 -5.20 -23.58 14.42
CA HIS A 384 -5.89 -23.05 15.61
C HIS A 384 -6.59 -21.74 15.31
N ARG A 385 -5.86 -20.77 14.76
CA ARG A 385 -6.44 -19.50 14.35
C ARG A 385 -7.56 -19.74 13.32
N LEU A 386 -7.27 -20.56 12.32
CA LEU A 386 -8.23 -20.91 11.28
C LEU A 386 -9.54 -21.43 11.87
N SER A 387 -9.44 -22.45 12.71
CA SER A 387 -10.61 -23.02 13.38
C SER A 387 -11.37 -21.96 14.18
N GLN A 388 -10.64 -21.03 14.80
CA GLN A 388 -11.25 -20.04 15.66
C GLN A 388 -12.09 -19.07 14.83
N GLU A 389 -11.50 -18.54 13.76
CA GLU A 389 -12.20 -17.57 12.92
C GLU A 389 -13.32 -18.20 12.09
N LEU A 390 -13.24 -19.52 11.89
CA LEU A 390 -14.29 -20.23 11.16
C LEU A 390 -15.30 -20.90 12.10
N ALA A 391 -15.00 -20.90 13.40
CA ALA A 391 -15.85 -21.55 14.40
C ALA A 391 -16.16 -23.00 14.04
N ILE A 392 -15.18 -23.67 13.42
CA ILE A 392 -15.24 -25.09 13.13
C ILE A 392 -14.25 -25.81 14.03
N PRO A 393 -14.45 -27.12 14.28
CA PRO A 393 -13.48 -27.80 15.15
C PRO A 393 -12.06 -27.69 14.62
N TYR A 394 -11.07 -27.78 15.51
CA TYR A 394 -9.67 -27.68 15.16
C TYR A 394 -9.31 -28.69 14.06
N GLU A 395 -9.84 -29.91 14.21
CA GLU A 395 -9.58 -31.02 13.29
C GLU A 395 -9.98 -30.69 11.85
N GLU A 396 -11.12 -30.02 11.72
CA GLU A 396 -11.63 -29.60 10.41
C GLU A 396 -10.66 -28.60 9.80
N ALA A 397 -10.24 -27.63 10.60
CA ALA A 397 -9.30 -26.59 10.17
C ALA A 397 -8.04 -27.23 9.58
N GLN A 398 -7.46 -28.18 10.32
CA GLN A 398 -6.26 -28.87 9.85
C GLN A 398 -6.49 -29.52 8.50
N ALA A 399 -7.63 -30.17 8.35
CA ALA A 399 -7.96 -30.88 7.11
C ALA A 399 -8.04 -29.94 5.91
N PHE A 400 -8.64 -28.77 6.10
CA PHE A 400 -8.74 -27.79 5.02
C PHE A 400 -7.35 -27.36 4.58
N ILE A 401 -6.44 -27.24 5.54
CA ILE A 401 -5.10 -26.76 5.26
C ILE A 401 -4.32 -27.85 4.53
N GLU A 402 -4.61 -29.11 4.87
CA GLU A 402 -3.96 -30.22 4.20
C GLU A 402 -4.42 -30.34 2.75
N ARG A 403 -5.72 -30.21 2.50
CA ARG A 403 -6.22 -30.34 1.14
C ARG A 403 -5.75 -29.17 0.27
N TYR A 404 -5.78 -27.97 0.86
CA TYR A 404 -5.31 -26.74 0.20
C TYR A 404 -3.97 -26.93 -0.48
N PHE A 405 -3.02 -27.54 0.22
CA PHE A 405 -1.69 -27.71 -0.33
C PHE A 405 -1.60 -29.01 -1.15
N GLN A 406 -2.37 -30.02 -0.73
CA GLN A 406 -2.36 -31.30 -1.44
C GLN A 406 -2.97 -31.12 -2.82
N SER A 407 -3.82 -30.09 -2.94
CA SER A 407 -4.40 -29.73 -4.23
C SER A 407 -3.33 -29.18 -5.16
N PHE A 408 -2.37 -28.47 -4.60
CA PHE A 408 -1.36 -27.77 -5.39
C PHE A 408 0.06 -28.17 -5.00
N PRO A 409 0.50 -29.38 -5.40
CA PRO A 409 1.77 -30.03 -5.06
C PRO A 409 3.02 -29.15 -5.14
N LYS A 410 3.26 -28.54 -6.29
CA LYS A 410 4.48 -27.78 -6.53
C LYS A 410 4.62 -26.46 -5.76
N VAL A 411 3.58 -26.08 -5.03
CA VAL A 411 3.65 -24.83 -4.29
C VAL A 411 4.61 -24.96 -3.11
N ARG A 412 4.47 -26.03 -2.32
CA ARG A 412 5.38 -26.29 -1.22
CA ARG A 412 5.38 -26.25 -1.22
C ARG A 412 6.81 -26.49 -1.72
N ALA A 413 6.93 -27.15 -2.87
CA ALA A 413 8.22 -27.35 -3.51
C ALA A 413 8.90 -26.02 -3.82
N TRP A 414 8.12 -25.08 -4.38
CA TRP A 414 8.64 -23.75 -4.69
C TRP A 414 9.08 -23.03 -3.43
N ILE A 415 8.26 -23.15 -2.38
CA ILE A 415 8.56 -22.54 -1.09
C ILE A 415 9.89 -23.06 -0.54
N GLU A 416 10.02 -24.38 -0.49
CA GLU A 416 11.25 -25.00 0.00
C GLU A 416 12.48 -24.51 -0.79
N LYS A 417 12.35 -24.47 -2.11
CA LYS A 417 13.46 -24.03 -2.96
C LYS A 417 13.80 -22.57 -2.69
N THR A 418 12.77 -21.75 -2.56
CA THR A 418 12.93 -20.32 -2.30
C THR A 418 13.67 -20.07 -0.99
N LEU A 419 13.27 -20.78 0.07
CA LEU A 419 13.88 -20.61 1.38
C LEU A 419 15.33 -21.09 1.39
N GLU A 420 15.57 -22.23 0.76
CA GLU A 420 16.92 -22.78 0.66
C GLU A 420 17.82 -21.75 -0.03
N GLU A 421 17.30 -21.13 -1.09
CA GLU A 421 18.09 -20.18 -1.86
C GLU A 421 18.26 -18.90 -1.07
N GLY A 422 17.25 -18.52 -0.31
CA GLY A 422 17.33 -17.37 0.58
C GLY A 422 18.40 -17.54 1.65
N ARG A 423 18.53 -18.77 2.17
CA ARG A 423 19.54 -19.06 3.17
C ARG A 423 20.94 -18.96 2.58
N ARG A 424 21.07 -19.39 1.33
CA ARG A 424 22.36 -19.44 0.65
C ARG A 424 22.83 -18.04 0.25
N ARG A 425 21.97 -17.28 -0.41
CA ARG A 425 22.35 -15.97 -0.93
C ARG A 425 22.16 -14.87 0.10
N GLY A 426 21.27 -15.08 1.07
CA GLY A 426 20.97 -14.08 2.08
C GLY A 426 19.80 -13.20 1.70
N TYR A 427 19.26 -13.43 0.51
CA TYR A 427 18.10 -12.67 0.03
C TYR A 427 17.20 -13.52 -0.85
N VAL A 428 15.96 -13.07 -1.02
CA VAL A 428 15.03 -13.66 -1.95
C VAL A 428 14.72 -12.61 -3.00
N GLU A 429 14.04 -12.99 -4.06
CA GLU A 429 13.82 -12.04 -5.14
C GLU A 429 12.53 -12.29 -5.91
N THR A 430 12.00 -11.22 -6.50
CA THR A 430 10.82 -11.32 -7.35
C THR A 430 11.21 -11.82 -8.72
N LEU A 431 10.18 -12.03 -9.56
CA LEU A 431 10.37 -12.47 -10.94
C LEU A 431 11.33 -11.56 -11.70
N PHE A 432 11.26 -10.26 -11.41
CA PHE A 432 12.07 -9.27 -12.11
C PHE A 432 13.38 -8.97 -11.39
N GLY A 433 13.63 -9.64 -10.27
CA GLY A 433 14.89 -9.53 -9.57
C GLY A 433 14.96 -8.51 -8.45
N ARG A 434 13.83 -7.94 -8.06
CA ARG A 434 13.81 -7.10 -6.86
C ARG A 434 14.18 -7.97 -5.67
N ARG A 435 15.04 -7.47 -4.79
CA ARG A 435 15.55 -8.28 -3.68
C ARG A 435 15.05 -7.83 -2.32
N ARG A 436 14.92 -8.78 -1.41
CA ARG A 436 14.73 -8.47 0.01
C ARG A 436 15.68 -9.35 0.81
N TYR A 437 16.52 -8.70 1.62
CA TYR A 437 17.44 -9.45 2.47
C TYR A 437 16.73 -9.99 3.70
N VAL A 438 16.93 -11.26 3.99
CA VAL A 438 16.33 -11.88 5.17
CA VAL A 438 16.32 -11.91 5.16
C VAL A 438 17.35 -12.75 5.91
N PRO A 439 18.20 -12.11 6.72
CA PRO A 439 19.24 -12.79 7.49
C PRO A 439 18.69 -13.78 8.51
N ASP A 440 17.47 -13.56 8.98
CA ASP A 440 16.88 -14.40 10.02
C ASP A 440 16.43 -15.78 9.54
N LEU A 441 16.62 -16.08 8.26
CA LEU A 441 16.40 -17.44 7.77
C LEU A 441 17.36 -18.42 8.44
N GLU A 442 18.47 -17.91 8.95
CA GLU A 442 19.46 -18.75 9.62
C GLU A 442 19.48 -18.53 11.13
N ALA A 443 18.43 -17.88 11.64
CA ALA A 443 18.27 -17.72 13.09
C ALA A 443 18.24 -19.08 13.78
N ARG A 444 18.77 -19.14 15.00
N ARG A 444 18.78 -19.14 14.99
CA ARG A 444 18.81 -20.37 15.78
CA ARG A 444 18.80 -20.37 15.77
C ARG A 444 17.57 -20.52 16.65
C ARG A 444 17.52 -20.54 16.57
N VAL A 445 16.80 -19.44 16.78
CA VAL A 445 15.52 -19.50 17.48
C VAL A 445 14.47 -19.84 16.44
N LYS A 446 13.74 -20.93 16.67
CA LYS A 446 12.79 -21.43 15.69
C LYS A 446 11.68 -20.43 15.39
N SER A 447 11.08 -19.85 16.42
CA SER A 447 9.99 -18.88 16.22
C SER A 447 10.45 -17.69 15.39
N VAL A 448 11.67 -17.22 15.65
CA VAL A 448 12.25 -16.12 14.90
C VAL A 448 12.52 -16.57 13.45
N ARG A 449 13.15 -17.73 13.32
CA ARG A 449 13.45 -18.30 12.01
C ARG A 449 12.20 -18.53 11.18
N GLU A 450 11.16 -19.09 11.80
CA GLU A 450 9.94 -19.42 11.06
C GLU A 450 9.15 -18.17 10.67
N ALA A 451 9.17 -17.15 11.52
CA ALA A 451 8.61 -15.86 11.15
C ALA A 451 9.32 -15.33 9.91
N ALA A 452 10.64 -15.41 9.91
CA ALA A 452 11.46 -14.98 8.78
C ALA A 452 11.09 -15.75 7.51
N GLU A 453 10.87 -17.05 7.64
CA GLU A 453 10.52 -17.88 6.49
C GLU A 453 9.21 -17.43 5.83
N ARG A 454 8.22 -17.07 6.64
CA ARG A 454 6.94 -16.59 6.10
C ARG A 454 7.11 -15.26 5.37
N MET A 455 7.94 -14.38 5.92
CA MET A 455 8.25 -13.11 5.26
C MET A 455 8.95 -13.41 3.95
N ALA A 456 9.89 -14.35 3.99
CA ALA A 456 10.77 -14.60 2.85
C ALA A 456 10.03 -15.18 1.64
N PHE A 457 9.18 -16.19 1.84
CA PHE A 457 8.54 -16.79 0.67
C PHE A 457 7.32 -16.02 0.19
N ASN A 458 6.82 -15.11 1.03
CA ASN A 458 5.77 -14.19 0.62
C ASN A 458 6.28 -13.14 -0.34
N MET A 459 7.49 -12.65 -0.09
CA MET A 459 8.01 -11.48 -0.81
C MET A 459 8.06 -11.67 -2.34
N PRO A 460 8.59 -12.81 -2.84
CA PRO A 460 8.61 -12.98 -4.29
C PRO A 460 7.20 -12.91 -4.90
N VAL A 461 6.21 -13.39 -4.17
CA VAL A 461 4.84 -13.39 -4.68
C VAL A 461 4.23 -12.00 -4.64
N GLN A 462 4.18 -11.40 -3.45
CA GLN A 462 3.64 -10.07 -3.29
C GLN A 462 4.43 -9.05 -4.11
N GLY A 463 5.75 -9.20 -4.09
CA GLY A 463 6.63 -8.29 -4.80
C GLY A 463 6.51 -8.36 -6.32
N THR A 464 6.29 -9.56 -6.85
CA THR A 464 6.12 -9.73 -8.29
C THR A 464 4.84 -9.06 -8.72
N ALA A 465 3.78 -9.29 -7.96
CA ALA A 465 2.50 -8.63 -8.19
C ALA A 465 2.68 -7.12 -8.17
N ALA A 466 3.44 -6.63 -7.20
CA ALA A 466 3.77 -5.21 -7.08
C ALA A 466 4.49 -4.70 -8.33
N ASP A 467 5.50 -5.46 -8.78
CA ASP A 467 6.29 -5.08 -9.96
C ASP A 467 5.38 -4.96 -11.18
N LEU A 468 4.44 -5.90 -11.31
CA LEU A 468 3.55 -5.95 -12.46
C LEU A 468 2.67 -4.71 -12.50
N MET A 469 2.13 -4.34 -11.35
CA MET A 469 1.28 -3.15 -11.27
C MET A 469 2.06 -1.90 -11.61
N LYS A 470 3.29 -1.80 -11.11
CA LYS A 470 4.13 -0.64 -11.39
C LYS A 470 4.40 -0.55 -12.88
N LEU A 471 4.73 -1.69 -13.49
CA LEU A 471 4.99 -1.71 -14.92
C LEU A 471 3.75 -1.29 -15.69
N ALA A 472 2.58 -1.72 -15.21
CA ALA A 472 1.32 -1.39 -15.87
C ALA A 472 1.01 0.10 -15.78
N MET A 473 1.33 0.70 -14.64
CA MET A 473 1.11 2.12 -14.44
C MET A 473 2.00 2.94 -15.37
N VAL A 474 3.23 2.49 -15.54
CA VAL A 474 4.18 3.19 -16.39
C VAL A 474 3.76 3.13 -17.87
N LYS A 475 3.21 2.00 -18.29
CA LYS A 475 2.71 1.85 -19.65
C LYS A 475 1.41 2.61 -19.85
N LEU A 476 0.54 2.59 -18.85
CA LEU A 476 -0.80 3.13 -18.99
C LEU A 476 -0.79 4.66 -19.00
N PHE A 477 0.06 5.26 -18.16
CA PHE A 477 0.04 6.71 -17.96
C PHE A 477 0.04 7.53 -19.27
N PRO A 478 1.01 7.28 -20.18
CA PRO A 478 0.99 8.10 -21.40
C PRO A 478 -0.28 7.93 -22.24
N ARG A 479 -0.86 6.73 -22.25
CA ARG A 479 -2.09 6.47 -22.99
C ARG A 479 -3.24 7.31 -22.42
N LEU A 480 -3.27 7.47 -21.10
CA LEU A 480 -4.35 8.19 -20.44
C LEU A 480 -4.23 9.67 -20.74
N GLU A 481 -3.01 10.20 -20.62
CA GLU A 481 -2.71 11.58 -20.98
C GLU A 481 -3.28 11.89 -22.37
N GLU A 482 -3.05 10.98 -23.31
CA GLU A 482 -3.49 11.17 -24.69
C GLU A 482 -5.01 11.17 -24.82
N MET A 483 -5.69 10.52 -23.88
CA MET A 483 -7.15 10.44 -23.90
C MET A 483 -7.81 11.51 -23.03
N GLY A 484 -6.99 12.27 -22.32
CA GLY A 484 -7.53 13.29 -21.44
C GLY A 484 -8.09 12.71 -20.16
N ALA A 485 -7.62 11.52 -19.80
CA ALA A 485 -8.02 10.87 -18.54
C ALA A 485 -6.95 11.03 -17.47
N ARG A 486 -7.34 10.79 -16.22
CA ARG A 486 -6.44 10.99 -15.08
C ARG A 486 -6.25 9.69 -14.31
N MET A 487 -5.02 9.43 -13.88
CA MET A 487 -4.77 8.36 -12.93
C MET A 487 -4.76 8.97 -11.53
N LEU A 488 -5.59 8.45 -10.64
CA LEU A 488 -5.81 9.09 -9.34
C LEU A 488 -5.17 8.33 -8.18
N LEU A 489 -5.46 7.04 -8.10
CA LEU A 489 -5.00 6.23 -6.98
C LEU A 489 -4.54 4.86 -7.42
N GLN A 490 -3.58 4.31 -6.69
CA GLN A 490 -3.24 2.90 -6.79
C GLN A 490 -3.50 2.29 -5.41
N VAL A 491 -4.17 1.15 -5.39
CA VAL A 491 -4.37 0.41 -4.14
C VAL A 491 -3.87 -1.02 -4.31
N HIS A 492 -2.55 -1.14 -4.48
CA HIS A 492 -1.84 -2.42 -4.53
C HIS A 492 -2.03 -3.20 -5.83
N ASP A 493 -3.23 -3.71 -6.07
CA ASP A 493 -3.50 -4.35 -7.36
C ASP A 493 -4.72 -3.72 -8.01
N GLU A 494 -4.99 -2.49 -7.61
CA GLU A 494 -6.13 -1.76 -8.13
C GLU A 494 -5.68 -0.37 -8.56
N LEU A 495 -6.26 0.11 -9.65
CA LEU A 495 -6.06 1.49 -10.07
C LEU A 495 -7.41 2.18 -10.13
N VAL A 496 -7.43 3.45 -9.71
CA VAL A 496 -8.60 4.27 -9.88
C VAL A 496 -8.29 5.45 -10.79
N LEU A 497 -9.04 5.55 -11.88
CA LEU A 497 -8.84 6.59 -12.87
C LEU A 497 -10.05 7.52 -12.87
N GLU A 498 -9.90 8.68 -13.51
CA GLU A 498 -11.00 9.61 -13.67
C GLU A 498 -11.03 10.03 -15.13
N ALA A 499 -12.16 9.78 -15.79
CA ALA A 499 -12.29 10.03 -17.23
C ALA A 499 -13.54 10.86 -17.53
N PRO A 500 -13.47 11.69 -18.59
CA PRO A 500 -14.69 12.37 -19.04
C PRO A 500 -15.77 11.34 -19.33
N LYS A 501 -17.02 11.62 -18.97
CA LYS A 501 -18.09 10.64 -19.13
C LYS A 501 -18.20 10.02 -20.52
N GLU A 502 -18.11 10.86 -21.54
CA GLU A 502 -18.17 10.43 -22.94
C GLU A 502 -17.11 9.40 -23.30
N ARG A 503 -15.97 9.44 -22.63
CA ARG A 503 -14.83 8.59 -22.99
C ARG A 503 -14.58 7.49 -21.97
N ALA A 504 -15.36 7.49 -20.89
CA ALA A 504 -15.09 6.62 -19.75
C ALA A 504 -15.05 5.15 -20.15
N GLU A 505 -15.98 4.74 -21.00
CA GLU A 505 -16.03 3.34 -21.45
C GLU A 505 -14.80 2.99 -22.27
N ALA A 506 -14.40 3.87 -23.17
CA ALA A 506 -13.22 3.64 -24.00
C ALA A 506 -11.97 3.57 -23.12
N VAL A 507 -11.89 4.46 -22.15
CA VAL A 507 -10.74 4.51 -21.24
C VAL A 507 -10.67 3.20 -20.43
N ALA A 508 -11.82 2.75 -19.95
CA ALA A 508 -11.88 1.51 -19.18
C ALA A 508 -11.36 0.33 -19.99
N ARG A 509 -11.81 0.23 -21.23
CA ARG A 509 -11.44 -0.90 -22.09
C ARG A 509 -9.93 -0.88 -22.33
N LEU A 510 -9.40 0.29 -22.65
CA LEU A 510 -7.98 0.43 -22.94
C LEU A 510 -7.15 0.05 -21.72
N ALA A 511 -7.51 0.61 -20.57
CA ALA A 511 -6.76 0.39 -19.33
C ALA A 511 -6.75 -1.09 -18.97
N LYS A 512 -7.90 -1.74 -19.15
CA LYS A 512 -8.02 -3.17 -18.88
C LYS A 512 -7.03 -3.98 -19.73
N GLU A 513 -6.99 -3.66 -21.02
CA GLU A 513 -6.13 -4.38 -21.96
C GLU A 513 -4.66 -4.14 -21.65
N VAL A 514 -4.31 -2.92 -21.28
CA VAL A 514 -2.92 -2.60 -20.92
C VAL A 514 -2.51 -3.40 -19.69
N MET A 515 -3.38 -3.43 -18.68
CA MET A 515 -3.07 -4.12 -17.43
C MET A 515 -2.97 -5.63 -17.63
N GLU A 516 -3.86 -6.18 -18.45
CA GLU A 516 -3.85 -7.62 -18.71
C GLU A 516 -2.67 -8.05 -19.58
N GLY A 517 -2.23 -7.16 -20.47
CA GLY A 517 -1.19 -7.46 -21.42
C GLY A 517 0.19 -7.01 -20.99
N VAL A 518 0.31 -6.55 -19.75
CA VAL A 518 1.53 -5.91 -19.26
C VAL A 518 2.77 -6.79 -19.37
N TYR A 519 2.67 -8.02 -18.88
CA TYR A 519 3.78 -8.96 -18.89
C TYR A 519 3.18 -10.35 -18.80
N PRO A 520 2.90 -10.98 -19.96
CA PRO A 520 2.22 -12.28 -19.95
C PRO A 520 2.93 -13.33 -19.10
N LEU A 521 2.14 -14.07 -18.33
CA LEU A 521 2.65 -15.17 -17.53
C LEU A 521 2.18 -16.51 -18.10
N ALA A 522 2.43 -17.58 -17.36
CA ALA A 522 2.01 -18.92 -17.76
C ALA A 522 0.51 -19.08 -17.58
N VAL A 523 -0.11 -18.10 -16.92
CA VAL A 523 -1.55 -18.07 -16.77
C VAL A 523 -2.06 -16.69 -17.19
N PRO A 524 -3.30 -16.62 -17.71
CA PRO A 524 -3.78 -15.30 -18.13
C PRO A 524 -3.88 -14.37 -16.93
N LEU A 525 -3.65 -13.09 -17.15
CA LEU A 525 -4.02 -12.09 -16.15
C LEU A 525 -5.38 -11.54 -16.53
N GLU A 526 -6.27 -11.50 -15.54
CA GLU A 526 -7.61 -10.97 -15.75
C GLU A 526 -7.84 -9.76 -14.87
N VAL A 527 -8.45 -8.74 -15.42
CA VAL A 527 -8.70 -7.52 -14.69
C VAL A 527 -10.20 -7.24 -14.69
N GLU A 528 -10.74 -7.02 -13.50
CA GLU A 528 -12.14 -6.66 -13.38
C GLU A 528 -12.22 -5.14 -13.37
N VAL A 529 -13.21 -4.59 -14.08
CA VAL A 529 -13.31 -3.15 -14.20
C VAL A 529 -14.74 -2.68 -13.95
N GLY A 530 -14.87 -1.58 -13.21
CA GLY A 530 -16.16 -0.96 -13.01
C GLY A 530 -16.08 0.54 -13.26
N ILE A 531 -17.24 1.14 -13.51
CA ILE A 531 -17.32 2.57 -13.78
C ILE A 531 -18.46 3.17 -12.94
N GLY A 532 -18.22 4.32 -12.32
CA GLY A 532 -19.24 4.95 -11.49
C GLY A 532 -18.95 6.38 -11.09
N GLU A 533 -19.98 7.04 -10.55
CA GLU A 533 -19.87 8.41 -10.07
C GLU A 533 -19.10 8.50 -8.76
N ASP A 534 -18.95 7.35 -8.09
CA ASP A 534 -18.17 7.29 -6.86
C ASP A 534 -17.44 5.96 -6.74
N TRP A 535 -16.42 5.93 -5.88
CA TRP A 535 -15.53 4.79 -5.75
C TRP A 535 -16.27 3.48 -5.47
N LEU A 536 -17.27 3.53 -4.60
CA LEU A 536 -18.04 2.33 -4.26
C LEU A 536 -18.81 1.83 -5.49
N SER A 537 -19.47 2.74 -6.19
N SER A 537 -19.47 2.74 -6.19
CA SER A 537 -20.23 2.40 -7.39
CA SER A 537 -20.22 2.39 -7.39
C SER A 537 -19.28 1.90 -8.48
C SER A 537 -19.30 1.93 -8.50
N ALA A 538 -18.07 2.45 -8.49
CA ALA A 538 -17.05 2.08 -9.46
C ALA A 538 -16.58 0.63 -9.27
N LYS A 539 -16.79 0.07 -8.09
CA LYS A 539 -16.33 -1.27 -7.80
C LYS A 539 -17.44 -2.30 -8.09
N GLU A 540 -18.28 -1.99 -9.06
CA GLU A 540 -19.35 -2.89 -9.49
C GLU A 540 -19.79 -2.57 -10.92
N1 DOC B 12 -4.82 -5.76 1.45
C2 DOC B 12 -3.81 -6.51 1.99
N3 DOC B 12 -3.99 -7.17 3.16
C4 DOC B 12 -5.17 -7.08 3.81
C5 DOC B 12 -6.20 -6.33 3.28
C6 DOC B 12 -6.00 -5.68 2.10
O2 DOC B 12 -2.72 -6.59 1.40
N4 DOC B 12 -5.34 -7.78 5.05
C1' DOC B 12 -4.63 -5.07 0.22
C2' DOC B 12 -4.92 -5.91 -0.98
C3' DOC B 12 -6.15 -5.37 -1.55
C4' DOC B 12 -6.13 -3.95 -1.15
O4' DOC B 12 -5.43 -3.91 0.13
C5' DOC B 12 -7.48 -3.49 -0.95
O5' DOC B 12 -8.29 -4.21 -0.08
P DOC B 12 -9.68 -3.61 0.36
OP1 DOC B 12 -10.49 -4.67 1.17
OP2 DOC B 12 -10.48 -3.06 -0.84
MG MG D . -7.61 -5.21 -5.05
MG MG E . -7.45 -8.01 -7.02
O3G 0KL F . -9.13 -9.05 -6.81
PG 0KL F . -9.91 -10.29 -6.44
O2G 0KL F . -11.13 -10.01 -5.58
O1G 0KL F . -10.16 -11.25 -7.57
O3B 0KL F . -8.94 -11.10 -5.44
PB 0KL F . -7.39 -10.71 -5.21
O1B 0KL F . -6.64 -11.98 -4.91
O2B 0KL F . -6.88 -9.78 -6.29
O3A 0KL F . -7.49 -9.93 -3.81
PA 0KL F . -7.34 -8.34 -3.64
O1A 0KL F . -7.38 -7.66 -5.00
O2A 0KL F . -8.31 -7.92 -2.57
O5' 0KL F . -5.86 -8.29 -3.03
C5' 0KL F . -4.72 -8.16 -3.88
C4' 0KL F . -3.62 -9.08 -3.34
C3' 0KL F . -4.07 -10.52 -3.26
O3' 0KL F . -3.91 -11.26 -4.47
C2' 0KL F . -3.18 -11.09 -2.16
O4' 0KL F . -3.25 -8.71 -2.01
C1' 0KL F . -2.89 -9.88 -1.27
N1 0KL F . -3.72 -10.01 -0.07
C2 0KL F . -3.25 -10.70 1.07
O2 0KL F . -2.09 -11.17 1.06
N3 0KL F . -3.99 -10.84 2.17
C6 0KL F . -4.96 -9.50 -0.09
C5 0KL F . -5.77 -9.62 1.03
C4 0KL F . -5.24 -10.34 2.21
O4 0KL F . -5.96 -10.46 3.23
C29 0KL F . -6.96 -9.13 1.04
C30 0KL F . -8.05 -8.69 1.09
C31 0KL F . -9.42 -8.14 1.12
C32 0KL F . -10.22 -8.82 2.22
C33 0KL F . -9.61 -8.58 3.60
N34 0KL F . -8.68 -9.64 3.93
C FMT G . -0.36 -7.16 -4.74
O1 FMT G . 0.51 -6.28 -4.81
O2 FMT G . -0.66 -7.75 -3.71
MG MG H . 16.70 3.99 6.02
MG MG I . 0.39 0.49 -24.09
C1 EDO J . -6.82 6.94 6.42
O1 EDO J . -5.84 6.14 7.10
C2 EDO J . -6.65 8.40 6.79
O2 EDO J . -5.26 8.73 6.80
C FMT K . 14.06 -8.24 -15.04
O1 FMT K . 14.60 -7.27 -14.52
O2 FMT K . 14.09 -8.49 -16.25
C1 EDO L . -4.45 6.44 -26.20
O1 EDO L . -3.13 6.29 -26.71
C2 EDO L . -5.46 6.23 -27.34
O2 EDO L . -5.39 4.88 -27.79
C1 EDO M . -0.23 1.49 26.05
O1 EDO M . -1.40 0.70 25.81
C2 EDO M . -0.59 2.67 26.94
O2 EDO M . -1.14 2.17 28.17
C FMT N . 19.87 -22.55 10.25
O1 FMT N . 19.60 -22.49 11.44
O2 FMT N . 19.05 -22.77 9.36
MG MG O . 8.98 -15.08 -16.65
C FMT P . 17.06 11.87 -15.23
O1 FMT P . 17.45 10.97 -15.98
O2 FMT P . 17.79 12.43 -14.39
C FMT Q . -1.68 16.16 6.34
O1 FMT Q . -1.37 15.01 6.67
O2 FMT Q . -2.07 16.47 5.22
C FMT R . 4.07 -3.03 19.11
O1 FMT R . 4.05 -1.82 19.27
O2 FMT R . 3.08 -3.76 19.16
MG MG S . 2.69 -0.67 15.58
CL CL T . -7.78 -7.87 6.46
C1 EDO U . -2.80 13.97 25.11
O1 EDO U . -3.36 13.91 23.80
C2 EDO U . -2.12 12.65 25.44
O2 EDO U . -1.10 12.39 24.46
MG MG V . -3.86 2.68 25.10
MG MG W . -3.56 -9.96 9.16
#